data_3S34
#
_entry.id   3S34
#
_cell.length_a   66.426
_cell.length_b   66.426
_cell.length_c   203.868
_cell.angle_alpha   90.00
_cell.angle_beta   90.00
_cell.angle_gamma   120.00
#
_symmetry.space_group_name_H-M   'P 32 2 1'
#
loop_
_entity.id
_entity.type
_entity.pdbx_description
1 polymer '1121B Fab light chain'
2 polymer '1121B Fab heavy chain'
3 non-polymer 'PHOSPHATE ION'
4 water water
#
loop_
_entity_poly.entity_id
_entity_poly.type
_entity_poly.pdbx_seq_one_letter_code
_entity_poly.pdbx_strand_id
1 'polypeptide(L)'
;DIQMTQSPSSVSASIGDRVTITCRASQGIDNWLGWYQQKPGKAPKLLIYDASNLDTGVPSRFSGSGSGTYFTLTISSLQA
EDFAVYFCQQAKAFPPTFGGGTKVDIKRTVAAPSVFIFPPSDEQLKSGTASVVCLLNNFYPREAKVQWKVDNALQSGNSQ
ESVTEQDSKDSTYSLSSTLTLSKADYEKHKVYACEVTHQGLSSPVTKSFNRGEC
;
L
2 'polypeptide(L)'
;EVQLVQSGGGLVKPGGSLRLSCAASGFTFSSYSMNWVRQAPGKGLEWVSSISSSSSYIYYADSVKGRFTISRDNAKNSLY
LQMNSLRAEDTAVYYCARVTDAFDIWGQGTMVTVSSASTKGPSVFPLAPSSKSTSGGTAALGCLVKDYFPEPVTVSWNSG
ALTSGVHTFPAVLQSSGLYSLSSVVTVPSSSLGTQTYICNVNHKPSNTKVDKRVEPKSCAA
;
H
#
# COMPACT_ATOMS: atom_id res chain seq x y z
N ASP A 1 -1.18 25.01 -3.45
CA ASP A 1 -0.48 24.44 -4.64
C ASP A 1 -1.42 23.78 -5.64
N ILE A 2 -0.85 23.15 -6.67
CA ILE A 2 -1.63 22.63 -7.79
C ILE A 2 -2.03 21.17 -7.54
N GLN A 3 -3.34 20.95 -7.40
CA GLN A 3 -3.88 19.64 -7.11
C GLN A 3 -4.04 18.89 -8.44
N MET A 4 -3.52 17.65 -8.49
CA MET A 4 -3.62 16.82 -9.67
C MET A 4 -4.55 15.66 -9.34
N THR A 5 -5.57 15.46 -10.16
CA THR A 5 -6.54 14.42 -9.91
C THR A 5 -6.62 13.54 -11.15
N GLN A 6 -6.42 12.23 -10.97
CA GLN A 6 -6.52 11.28 -12.06
C GLN A 6 -7.83 10.53 -12.06
N SER A 7 -8.21 10.05 -13.24
CA SER A 7 -9.45 9.33 -13.45
C SER A 7 -9.27 8.29 -14.57
N PRO A 8 -9.90 7.10 -14.43
CA PRO A 8 -10.52 6.60 -13.20
C PRO A 8 -9.44 6.12 -12.23
N SER A 9 -9.84 5.65 -11.05
CA SER A 9 -8.89 5.11 -10.08
C SER A 9 -8.34 3.76 -10.55
N SER A 10 -9.17 2.97 -11.23
CA SER A 10 -8.66 1.79 -11.92
C SER A 10 -9.31 1.57 -13.29
N VAL A 11 -8.51 1.08 -14.24
CA VAL A 11 -9.03 0.70 -15.54
C VAL A 11 -8.84 -0.80 -15.70
N SER A 12 -9.88 -1.47 -16.14
CA SER A 12 -9.86 -2.88 -16.48
C SER A 12 -9.46 -3.03 -17.94
N ALA A 13 -8.35 -3.72 -18.20
CA ALA A 13 -7.86 -3.92 -19.56
C ALA A 13 -7.51 -5.38 -19.86
N SER A 14 -7.64 -5.76 -21.14
CA SER A 14 -7.15 -7.06 -21.62
C SER A 14 -5.91 -6.86 -22.50
N ILE A 15 -5.07 -7.88 -22.59
CA ILE A 15 -3.91 -7.86 -23.50
C ILE A 15 -4.35 -7.50 -24.93
N GLY A 16 -3.81 -6.42 -25.45
CA GLY A 16 -4.14 -5.92 -26.79
C GLY A 16 -5.13 -4.76 -26.80
N ASP A 17 -5.73 -4.43 -25.66
CA ASP A 17 -6.63 -3.27 -25.56
C ASP A 17 -5.87 -1.94 -25.68
N ARG A 18 -6.62 -0.91 -26.03
CA ARG A 18 -6.19 0.47 -25.98
C ARG A 18 -6.72 1.04 -24.68
N VAL A 19 -5.82 1.59 -23.86
CA VAL A 19 -6.17 2.15 -22.55
C VAL A 19 -5.92 3.66 -22.58
N THR A 20 -6.88 4.45 -22.12
CA THR A 20 -6.71 5.89 -21.98
C THR A 20 -6.95 6.31 -20.54
N ILE A 21 -5.96 6.96 -19.94
CA ILE A 21 -6.00 7.50 -18.56
C ILE A 21 -6.06 9.00 -18.64
N THR A 22 -6.77 9.62 -17.69
CA THR A 22 -6.95 11.06 -17.66
C THR A 22 -6.32 11.65 -16.40
N CYS A 23 -5.73 12.83 -16.55
CA CYS A 23 -5.18 13.61 -15.47
C CYS A 23 -5.69 15.05 -15.61
N ARG A 24 -6.14 15.64 -14.49
CA ARG A 24 -6.63 17.01 -14.49
C ARG A 24 -5.85 17.85 -13.48
N ALA A 25 -5.50 19.08 -13.87
CA ALA A 25 -4.84 20.04 -12.98
C ALA A 25 -5.87 21.02 -12.46
N SER A 26 -5.67 21.50 -11.23
CA SER A 26 -6.58 22.47 -10.61
C SER A 26 -6.38 23.87 -11.19
N GLN A 27 -5.24 24.11 -11.83
CA GLN A 27 -5.02 25.31 -12.62
C GLN A 27 -4.04 24.99 -13.76
N GLY A 28 -3.81 25.96 -14.64
CA GLY A 28 -3.00 25.75 -15.85
C GLY A 28 -1.54 25.42 -15.60
N ILE A 29 -1.07 24.32 -16.20
CA ILE A 29 0.35 23.91 -16.11
C ILE A 29 1.04 23.86 -17.47
N ASP A 30 0.37 24.40 -18.48
CA ASP A 30 0.92 24.52 -19.84
C ASP A 30 1.23 23.12 -20.43
N ASN A 31 2.51 22.82 -20.64
CA ASN A 31 2.94 21.52 -21.13
C ASN A 31 3.74 20.74 -20.08
N TRP A 32 3.85 21.30 -18.88
CA TRP A 32 4.75 20.74 -17.86
C TRP A 32 4.09 19.58 -17.11
N LEU A 33 3.80 18.49 -17.85
CA LEU A 33 3.16 17.30 -17.30
C LEU A 33 3.96 16.05 -17.67
N GLY A 34 4.27 15.25 -16.67
CA GLY A 34 4.96 13.99 -16.85
C GLY A 34 4.10 12.81 -16.41
N TRP A 35 4.38 11.65 -16.99
CA TRP A 35 3.67 10.43 -16.65
C TRP A 35 4.68 9.39 -16.22
N TYR A 36 4.35 8.64 -15.17
CA TYR A 36 5.21 7.62 -14.62
C TYR A 36 4.47 6.31 -14.50
N GLN A 37 5.23 5.22 -14.53
CA GLN A 37 4.70 3.87 -14.32
C GLN A 37 5.29 3.32 -13.02
N GLN A 38 4.48 2.66 -12.19
CA GLN A 38 4.99 1.94 -11.04
C GLN A 38 4.39 0.54 -10.90
N LYS A 39 5.27 -0.44 -10.72
CA LYS A 39 4.92 -1.84 -10.46
C LYS A 39 5.14 -2.15 -8.99
N PRO A 40 4.43 -3.16 -8.46
CA PRO A 40 4.53 -3.50 -7.04
C PRO A 40 5.95 -3.75 -6.55
N GLY A 41 6.33 -3.08 -5.46
CA GLY A 41 7.66 -3.24 -4.88
C GLY A 41 8.81 -2.59 -5.65
N LYS A 42 8.51 -1.72 -6.61
CA LYS A 42 9.56 -1.12 -7.46
C LYS A 42 9.43 0.39 -7.49
N ALA A 43 10.54 1.08 -7.73
CA ALA A 43 10.53 2.53 -7.92
C ALA A 43 9.76 2.91 -9.17
N PRO A 44 9.24 4.13 -9.21
CA PRO A 44 8.66 4.63 -10.45
C PRO A 44 9.66 4.77 -11.59
N LYS A 45 9.10 4.80 -12.79
CA LYS A 45 9.84 4.97 -14.03
C LYS A 45 9.12 6.06 -14.84
N LEU A 46 9.89 7.00 -15.37
CA LEU A 46 9.35 8.00 -16.28
C LEU A 46 8.98 7.38 -17.62
N LEU A 47 7.82 7.77 -18.14
CA LEU A 47 7.37 7.34 -19.48
C LEU A 47 7.41 8.51 -20.46
N ILE A 48 6.76 9.60 -20.08
CA ILE A 48 6.50 10.76 -20.92
C ILE A 48 6.80 12.02 -20.12
N TYR A 49 7.44 12.99 -20.77
CA TYR A 49 7.70 14.28 -20.16
C TYR A 49 7.24 15.41 -21.08
N ASP A 50 6.88 16.51 -20.47
CA ASP A 50 6.43 17.67 -21.19
C ASP A 50 5.27 17.23 -22.06
N ALA A 51 4.38 16.47 -21.46
CA ALA A 51 3.13 16.02 -22.04
C ALA A 51 3.19 15.02 -23.17
N SER A 52 4.12 15.11 -24.09
CA SER A 52 4.08 14.24 -25.24
C SER A 52 5.34 13.54 -25.59
N ASN A 53 6.39 13.83 -24.89
CA ASN A 53 7.71 13.33 -25.29
C ASN A 53 8.08 12.01 -24.60
N LEU A 54 8.40 10.99 -25.39
CA LEU A 54 8.84 9.69 -24.87
C LEU A 54 10.26 9.76 -24.30
N ASP A 55 10.46 9.22 -23.10
CA ASP A 55 11.80 9.13 -22.53
C ASP A 55 12.58 8.04 -23.25
N THR A 56 13.90 8.12 -23.19
CA THR A 56 14.79 7.13 -23.81
C THR A 56 14.46 5.73 -23.27
N GLY A 57 14.24 4.79 -24.19
CA GLY A 57 14.03 3.38 -23.83
C GLY A 57 12.57 3.00 -23.68
N VAL A 58 11.70 4.00 -23.53
CA VAL A 58 10.29 3.76 -23.36
C VAL A 58 9.66 3.31 -24.68
N PRO A 59 8.86 2.22 -24.64
CA PRO A 59 8.22 1.68 -25.83
C PRO A 59 7.20 2.65 -26.45
N SER A 60 7.06 2.57 -27.79
CA SER A 60 6.24 3.52 -28.57
C SER A 60 4.73 3.15 -28.67
N ARG A 61 4.34 2.17 -27.76
CA ARG A 61 2.90 1.97 -27.49
C ARG A 61 2.37 3.00 -26.49
N PHE A 62 3.26 3.76 -25.85
CA PHE A 62 2.85 4.86 -24.95
C PHE A 62 2.87 6.18 -25.68
N SER A 63 1.77 6.93 -25.60
CA SER A 63 1.72 8.31 -26.07
C SER A 63 1.00 9.18 -25.04
N GLY A 64 1.37 10.44 -24.98
CA GLY A 64 0.64 11.44 -24.22
C GLY A 64 0.22 12.61 -25.09
N SER A 65 -0.86 13.27 -24.70
CA SER A 65 -1.33 14.48 -25.36
C SER A 65 -1.94 15.40 -24.30
N GLY A 66 -2.34 16.59 -24.74
CA GLY A 66 -3.04 17.54 -23.89
C GLY A 66 -2.16 18.69 -23.48
N SER A 67 -2.80 19.69 -22.86
CA SER A 67 -2.15 20.88 -22.36
C SER A 67 -3.08 21.60 -21.39
N GLY A 68 -2.58 22.67 -20.77
CA GLY A 68 -3.36 23.46 -19.82
C GLY A 68 -3.74 22.68 -18.56
N THR A 69 -5.00 22.27 -18.50
CA THR A 69 -5.55 21.56 -17.34
C THR A 69 -6.02 20.14 -17.67
N TYR A 70 -5.90 19.73 -18.93
CA TYR A 70 -6.39 18.41 -19.36
C TYR A 70 -5.34 17.61 -20.13
N PHE A 71 -5.06 16.40 -19.66
CA PHE A 71 -4.02 15.56 -20.24
C PHE A 71 -4.47 14.10 -20.26
N THR A 72 -4.00 13.34 -21.22
CA THR A 72 -4.25 11.90 -21.28
C THR A 72 -2.99 11.12 -21.62
N LEU A 73 -2.91 9.89 -21.11
CA LEU A 73 -1.89 8.93 -21.47
C LEU A 73 -2.61 7.79 -22.18
N THR A 74 -2.17 7.43 -23.39
CA THR A 74 -2.74 6.30 -24.11
C THR A 74 -1.71 5.16 -24.22
N ILE A 75 -2.14 3.95 -23.88
CA ILE A 75 -1.41 2.70 -24.20
C ILE A 75 -2.16 2.05 -25.37
N SER A 76 -1.52 1.94 -26.54
CA SER A 76 -2.26 1.59 -27.76
C SER A 76 -2.49 0.09 -28.00
N SER A 77 -1.63 -0.75 -27.42
CA SER A 77 -1.82 -2.22 -27.52
C SER A 77 -1.18 -2.90 -26.34
N LEU A 78 -1.96 -2.95 -25.26
CA LEU A 78 -1.50 -3.32 -23.94
C LEU A 78 -0.80 -4.69 -23.99
N GLN A 79 0.38 -4.76 -23.37
CA GLN A 79 1.10 -5.99 -23.14
C GLN A 79 1.11 -6.32 -21.64
N ALA A 80 1.41 -7.58 -21.32
CA ALA A 80 1.43 -8.05 -19.92
C ALA A 80 2.24 -7.15 -18.98
N GLU A 81 3.32 -6.60 -19.50
CA GLU A 81 4.21 -5.68 -18.79
C GLU A 81 3.56 -4.36 -18.39
N ASP A 82 2.44 -4.00 -19.02
CA ASP A 82 1.82 -2.68 -18.81
C ASP A 82 0.79 -2.65 -17.66
N PHE A 83 0.43 -3.81 -17.11
CA PHE A 83 -0.42 -3.82 -15.92
C PHE A 83 0.40 -3.22 -14.75
N ALA A 84 -0.02 -2.05 -14.29
CA ALA A 84 0.81 -1.23 -13.39
C ALA A 84 0.02 -0.03 -12.90
N VAL A 85 0.58 0.73 -11.96
CA VAL A 85 -0.02 2.01 -11.56
C VAL A 85 0.68 3.11 -12.37
N TYR A 86 -0.11 4.09 -12.81
CA TYR A 86 0.37 5.23 -13.59
C TYR A 86 0.03 6.53 -12.86
N PHE A 87 1.04 7.39 -12.71
CA PHE A 87 0.92 8.68 -12.02
C PHE A 87 1.23 9.82 -12.99
N CYS A 88 0.49 10.91 -12.89
CA CYS A 88 0.89 12.15 -13.53
C CYS A 88 1.55 13.07 -12.51
N GLN A 89 2.27 14.06 -13.03
CA GLN A 89 3.03 15.01 -12.23
C GLN A 89 3.27 16.35 -12.95
N GLN A 90 2.94 17.40 -12.23
CA GLN A 90 2.99 18.78 -12.66
C GLN A 90 4.38 19.36 -12.29
N ALA A 91 5.02 20.01 -13.26
CA ALA A 91 6.29 20.70 -13.04
C ALA A 91 6.18 22.20 -13.43
N LYS A 92 4.97 22.73 -13.32
CA LYS A 92 4.70 24.16 -13.57
C LYS A 92 5.17 25.00 -12.38
N ALA A 93 4.79 24.58 -11.17
CA ALA A 93 5.12 25.34 -9.96
C ALA A 93 5.65 24.41 -8.87
N PHE A 94 6.51 24.93 -7.99
CA PHE A 94 6.85 24.27 -6.74
C PHE A 94 5.72 24.47 -5.75
N PRO A 95 5.38 23.45 -4.97
CA PRO A 95 5.93 22.09 -4.99
C PRO A 95 5.45 21.26 -6.18
N PRO A 96 6.34 20.48 -6.80
CA PRO A 96 5.82 19.50 -7.75
C PRO A 96 4.85 18.55 -7.04
N THR A 97 3.75 18.26 -7.73
CA THR A 97 2.66 17.49 -7.16
C THR A 97 2.32 16.37 -8.12
N PHE A 98 1.95 15.22 -7.55
CA PHE A 98 1.59 14.04 -8.31
C PHE A 98 0.08 13.84 -8.24
N GLY A 99 -0.49 13.18 -9.26
CA GLY A 99 -1.83 12.65 -9.14
C GLY A 99 -1.83 11.47 -8.19
N GLY A 100 -3.01 11.02 -7.79
CA GLY A 100 -3.14 9.88 -6.87
C GLY A 100 -3.02 8.51 -7.51
N GLY A 101 -3.00 8.46 -8.84
CA GLY A 101 -2.71 7.24 -9.58
C GLY A 101 -3.94 6.56 -10.15
N THR A 102 -3.69 5.79 -11.21
CA THR A 102 -4.66 4.93 -11.86
C THR A 102 -4.00 3.58 -12.02
N LYS A 103 -4.65 2.54 -11.52
CA LYS A 103 -4.18 1.18 -11.65
C LYS A 103 -4.80 0.54 -12.88
N VAL A 104 -3.97 0.14 -13.82
CA VAL A 104 -4.43 -0.59 -15.00
C VAL A 104 -4.24 -2.06 -14.65
N ASP A 105 -5.34 -2.78 -14.50
CA ASP A 105 -5.29 -4.18 -14.02
C ASP A 105 -5.95 -5.10 -15.01
N ILE A 106 -5.92 -6.41 -14.75
CA ILE A 106 -6.39 -7.42 -15.70
C ILE A 106 -7.90 -7.55 -15.59
N LYS A 107 -8.57 -7.40 -16.74
CA LYS A 107 -10.02 -7.42 -16.79
C LYS A 107 -10.54 -8.81 -16.55
N ARG A 108 -11.52 -8.91 -15.67
CA ARG A 108 -12.36 -10.11 -15.54
C ARG A 108 -13.78 -9.62 -15.28
N THR A 109 -14.74 -10.54 -15.14
CA THR A 109 -16.09 -10.16 -14.82
C THR A 109 -16.14 -9.57 -13.41
N VAL A 110 -17.16 -8.78 -13.13
CA VAL A 110 -17.36 -8.24 -11.79
C VAL A 110 -17.66 -9.44 -10.88
N ALA A 111 -16.99 -9.50 -9.73
CA ALA A 111 -17.21 -10.52 -8.70
C ALA A 111 -17.48 -9.80 -7.39
N ALA A 112 -18.68 -9.95 -6.86
CA ALA A 112 -19.01 -9.41 -5.54
C ALA A 112 -18.11 -10.05 -4.48
N PRO A 113 -17.71 -9.29 -3.44
CA PRO A 113 -16.97 -9.92 -2.33
C PRO A 113 -17.82 -10.92 -1.58
N SER A 114 -17.26 -12.06 -1.23
CA SER A 114 -17.87 -12.87 -0.20
C SER A 114 -17.44 -12.27 1.12
N VAL A 115 -18.39 -11.83 1.96
CA VAL A 115 -18.06 -11.09 3.18
C VAL A 115 -18.19 -11.99 4.40
N PHE A 116 -17.20 -11.92 5.27
CA PHE A 116 -17.17 -12.72 6.49
C PHE A 116 -16.78 -11.82 7.64
N ILE A 117 -17.48 -11.99 8.77
CA ILE A 117 -17.19 -11.21 9.97
C ILE A 117 -16.71 -12.17 11.08
N PHE A 118 -15.66 -11.77 11.79
CA PHE A 118 -15.01 -12.62 12.76
C PHE A 118 -14.98 -11.85 14.08
N PRO A 119 -15.67 -12.39 15.11
CA PRO A 119 -15.59 -11.78 16.44
C PRO A 119 -14.17 -11.91 16.98
N PRO A 120 -13.85 -11.16 18.04
CA PRO A 120 -12.60 -11.40 18.76
C PRO A 120 -12.56 -12.78 19.42
N SER A 121 -11.39 -13.41 19.45
CA SER A 121 -11.23 -14.67 20.17
C SER A 121 -11.32 -14.40 21.66
N ASP A 122 -11.74 -15.43 22.41
CA ASP A 122 -11.72 -15.35 23.85
C ASP A 122 -10.29 -15.23 24.39
N GLU A 123 -9.35 -15.94 23.76
CA GLU A 123 -7.90 -15.76 23.99
C GLU A 123 -7.53 -14.28 24.04
N GLN A 124 -7.86 -13.55 22.98
CA GLN A 124 -7.47 -12.15 22.84
C GLN A 124 -8.17 -11.32 23.91
N LEU A 125 -9.48 -11.53 24.04
CA LEU A 125 -10.28 -10.83 25.05
C LEU A 125 -9.67 -10.94 26.45
N LYS A 126 -9.17 -12.10 26.83
CA LYS A 126 -8.34 -12.24 28.06
C LYS A 126 -7.30 -11.10 28.23
N SER A 127 -6.62 -10.72 27.15
CA SER A 127 -5.53 -9.73 27.21
C SER A 127 -5.95 -8.23 27.23
N GLY A 128 -7.25 -7.94 27.21
CA GLY A 128 -7.74 -6.55 27.32
C GLY A 128 -7.96 -5.86 25.98
N THR A 129 -7.99 -6.65 24.91
CA THR A 129 -8.06 -6.11 23.57
C THR A 129 -9.00 -6.95 22.71
N ALA A 130 -9.69 -6.31 21.77
CA ALA A 130 -10.66 -6.97 20.93
C ALA A 130 -10.42 -6.58 19.49
N SER A 131 -10.09 -7.54 18.64
CA SER A 131 -9.98 -7.27 17.23
C SER A 131 -11.15 -7.89 16.52
N VAL A 132 -11.90 -7.09 15.78
CA VAL A 132 -12.99 -7.58 14.93
C VAL A 132 -12.56 -7.45 13.48
N VAL A 133 -12.60 -8.56 12.74
CA VAL A 133 -12.09 -8.62 11.36
C VAL A 133 -13.22 -8.88 10.37
N CYS A 134 -13.25 -8.07 9.34
CA CYS A 134 -14.17 -8.23 8.23
C CYS A 134 -13.34 -8.62 6.99
N LEU A 135 -13.62 -9.79 6.43
CA LEU A 135 -13.01 -10.25 5.20
C LEU A 135 -13.91 -10.00 3.99
N LEU A 136 -13.36 -9.30 3.01
CA LEU A 136 -13.96 -9.17 1.68
C LEU A 136 -13.12 -10.07 0.75
N ASN A 137 -13.70 -11.20 0.33
CA ASN A 137 -12.93 -12.18 -0.41
C ASN A 137 -13.28 -12.29 -1.90
N ASN A 138 -12.24 -12.29 -2.73
CA ASN A 138 -12.28 -12.66 -4.16
C ASN A 138 -13.28 -11.79 -4.91
N PHE A 139 -13.02 -10.50 -4.92
CA PHE A 139 -13.87 -9.54 -5.59
C PHE A 139 -13.15 -8.82 -6.73
N TYR A 140 -13.95 -8.23 -7.61
CA TYR A 140 -13.44 -7.42 -8.70
C TYR A 140 -14.56 -6.50 -9.16
N PRO A 141 -14.27 -5.21 -9.45
CA PRO A 141 -12.97 -4.54 -9.39
C PRO A 141 -12.56 -4.21 -7.95
N ARG A 142 -11.43 -3.52 -7.82
CA ARG A 142 -10.76 -3.33 -6.53
C ARG A 142 -11.46 -2.36 -5.60
N GLU A 143 -12.22 -1.44 -6.17
CA GLU A 143 -12.88 -0.37 -5.40
C GLU A 143 -14.02 -0.96 -4.56
N ALA A 144 -13.92 -0.77 -3.25
CA ALA A 144 -14.84 -1.35 -2.29
C ALA A 144 -14.86 -0.45 -1.04
N LYS A 145 -16.04 -0.29 -0.46
CA LYS A 145 -16.19 0.50 0.76
C LYS A 145 -16.68 -0.39 1.89
N VAL A 146 -15.97 -0.31 3.00
CA VAL A 146 -16.28 -1.03 4.23
C VAL A 146 -16.59 0.01 5.30
N GLN A 147 -17.79 -0.08 5.85
CA GLN A 147 -18.23 0.78 6.95
C GLN A 147 -18.50 -0.12 8.14
N TRP A 148 -17.81 0.17 9.23
CA TRP A 148 -18.09 -0.48 10.50
C TRP A 148 -19.23 0.23 11.22
N LYS A 149 -20.10 -0.57 11.82
CA LYS A 149 -21.16 -0.06 12.70
C LYS A 149 -21.15 -0.85 14.00
N VAL A 150 -21.25 -0.14 15.12
CA VAL A 150 -21.29 -0.78 16.46
C VAL A 150 -22.54 -0.22 17.14
N ASP A 151 -23.51 -1.09 17.46
CA ASP A 151 -24.87 -0.65 17.91
C ASP A 151 -25.42 0.45 16.99
N ASN A 152 -25.20 0.25 15.70
CA ASN A 152 -25.57 1.15 14.64
C ASN A 152 -24.75 2.48 14.54
N ALA A 153 -23.77 2.70 15.40
CA ALA A 153 -22.96 3.91 15.33
C ALA A 153 -21.90 3.69 14.24
N LEU A 154 -21.82 4.63 13.32
CA LEU A 154 -20.83 4.59 12.22
C LEU A 154 -19.44 4.86 12.78
N GLN A 155 -18.52 3.92 12.62
CA GLN A 155 -17.17 4.05 13.16
C GLN A 155 -16.28 4.77 12.17
N SER A 156 -15.42 5.64 12.69
CA SER A 156 -14.29 6.16 11.90
C SER A 156 -13.05 6.41 12.76
N GLY A 157 -11.89 6.13 12.17
CA GLY A 157 -10.58 6.38 12.81
C GLY A 157 -10.03 5.21 13.64
N ASN A 158 -10.79 4.11 13.70
CA ASN A 158 -10.39 2.95 14.55
C ASN A 158 -10.40 1.62 13.79
N SER A 159 -10.33 1.70 12.45
CA SER A 159 -10.09 0.54 11.61
C SER A 159 -8.93 0.75 10.62
N GLN A 160 -8.35 -0.37 10.19
CA GLN A 160 -7.26 -0.41 9.23
C GLN A 160 -7.58 -1.47 8.19
N GLU A 161 -7.31 -1.13 6.92
CA GLU A 161 -7.56 -2.00 5.79
C GLU A 161 -6.25 -2.50 5.23
N SER A 162 -6.29 -3.69 4.67
CA SER A 162 -5.18 -4.22 3.94
C SER A 162 -5.72 -4.97 2.71
N VAL A 163 -5.08 -4.81 1.56
CA VAL A 163 -5.56 -5.37 0.30
C VAL A 163 -4.46 -6.20 -0.36
N THR A 164 -4.84 -7.28 -1.04
CA THR A 164 -3.90 -8.11 -1.77
C THR A 164 -3.65 -7.51 -3.14
N GLU A 165 -2.58 -7.95 -3.80
CA GLU A 165 -2.41 -7.67 -5.22
C GLU A 165 -3.35 -8.60 -6.00
N GLN A 166 -3.61 -8.25 -7.26
CA GLN A 166 -4.52 -9.01 -8.07
C GLN A 166 -4.00 -10.43 -8.22
N ASP A 167 -4.89 -11.39 -7.99
CA ASP A 167 -4.51 -12.78 -7.92
C ASP A 167 -4.17 -13.32 -9.30
N SER A 168 -3.11 -14.12 -9.39
CA SER A 168 -2.59 -14.63 -10.67
C SER A 168 -3.48 -15.66 -11.36
N LYS A 169 -4.31 -16.34 -10.58
CA LYS A 169 -5.16 -17.42 -11.10
C LYS A 169 -6.55 -16.92 -11.49
N ASP A 170 -7.20 -16.18 -10.61
CA ASP A 170 -8.58 -15.75 -10.85
C ASP A 170 -8.75 -14.23 -11.03
N SER A 171 -7.67 -13.45 -10.97
CA SER A 171 -7.70 -12.01 -11.20
C SER A 171 -8.55 -11.19 -10.22
N THR A 172 -8.77 -11.73 -9.02
CA THR A 172 -9.56 -11.05 -8.01
C THR A 172 -8.68 -10.39 -6.95
N TYR A 173 -9.32 -9.56 -6.13
CA TYR A 173 -8.71 -9.00 -4.91
C TYR A 173 -9.38 -9.52 -3.66
N SER A 174 -8.65 -9.44 -2.56
CA SER A 174 -9.22 -9.62 -1.22
C SER A 174 -8.78 -8.49 -0.31
N LEU A 175 -9.62 -8.20 0.67
CA LEU A 175 -9.35 -7.08 1.58
C LEU A 175 -9.74 -7.50 2.99
N SER A 176 -8.88 -7.17 3.95
CA SER A 176 -9.21 -7.27 5.37
C SER A 176 -9.40 -5.86 5.91
N SER A 177 -10.47 -5.67 6.69
CA SER A 177 -10.65 -4.52 7.55
C SER A 177 -10.71 -5.01 9.00
N THR A 178 -9.94 -4.38 9.86
CA THR A 178 -9.83 -4.75 11.26
C THR A 178 -10.19 -3.55 12.12
N LEU A 179 -11.18 -3.76 12.98
CA LEU A 179 -11.62 -2.80 13.99
C LEU A 179 -10.98 -3.14 15.34
N THR A 180 -10.33 -2.17 15.97
CA THR A 180 -9.65 -2.39 17.21
C THR A 180 -10.34 -1.61 18.33
N LEU A 181 -10.82 -2.34 19.33
CA LEU A 181 -11.47 -1.75 20.49
C LEU A 181 -10.81 -2.28 21.74
N SER A 182 -10.80 -1.47 22.80
CA SER A 182 -10.53 -1.99 24.14
C SER A 182 -11.58 -3.04 24.48
N LYS A 183 -11.20 -3.96 25.36
CA LYS A 183 -12.12 -4.97 25.88
C LYS A 183 -13.34 -4.31 26.56
N ALA A 184 -13.09 -3.21 27.26
CA ALA A 184 -14.13 -2.43 27.94
C ALA A 184 -15.17 -1.91 26.94
N ASP A 185 -14.73 -1.16 25.93
CA ASP A 185 -15.63 -0.73 24.85
C ASP A 185 -16.37 -1.91 24.20
N TYR A 186 -15.67 -3.02 23.93
CA TYR A 186 -16.31 -4.17 23.30
C TYR A 186 -17.48 -4.70 24.13
N GLU A 187 -17.27 -4.71 25.43
CA GLU A 187 -18.22 -5.20 26.43
C GLU A 187 -19.43 -4.28 26.60
N LYS A 188 -19.27 -3.02 26.23
CA LYS A 188 -20.34 -2.04 26.28
C LYS A 188 -21.33 -2.12 25.12
N HIS A 189 -21.04 -2.89 24.07
CA HIS A 189 -21.93 -2.91 22.88
C HIS A 189 -22.35 -4.31 22.48
N LYS A 190 -23.43 -4.41 21.71
CA LYS A 190 -23.98 -5.70 21.31
C LYS A 190 -23.73 -6.02 19.84
N VAL A 191 -24.21 -5.16 18.94
CA VAL A 191 -24.23 -5.48 17.52
C VAL A 191 -22.99 -4.96 16.81
N TYR A 192 -22.23 -5.88 16.24
CA TYR A 192 -21.04 -5.55 15.50
C TYR A 192 -21.31 -5.84 14.05
N ALA A 193 -21.26 -4.81 13.20
CA ALA A 193 -21.64 -4.97 11.79
C ALA A 193 -20.56 -4.45 10.83
N CYS A 194 -20.38 -5.17 9.73
CA CYS A 194 -19.52 -4.82 8.63
C CYS A 194 -20.44 -4.60 7.42
N GLU A 195 -20.55 -3.36 6.94
CA GLU A 195 -21.35 -3.02 5.78
C GLU A 195 -20.47 -2.73 4.54
N VAL A 196 -20.75 -3.44 3.46
CA VAL A 196 -19.88 -3.43 2.27
C VAL A 196 -20.64 -2.96 1.03
N THR A 197 -20.05 -1.98 0.36
CA THR A 197 -20.55 -1.40 -0.90
C THR A 197 -19.53 -1.72 -1.99
N HIS A 198 -20.01 -2.26 -3.11
CA HIS A 198 -19.15 -2.73 -4.21
C HIS A 198 -19.99 -2.89 -5.49
N GLN A 199 -19.39 -2.70 -6.67
CA GLN A 199 -20.12 -2.87 -7.93
C GLN A 199 -20.89 -4.23 -8.04
N GLY A 200 -20.34 -5.26 -7.42
CA GLY A 200 -20.93 -6.61 -7.46
C GLY A 200 -22.13 -6.83 -6.56
N LEU A 201 -22.50 -5.80 -5.81
CA LEU A 201 -23.64 -5.83 -4.90
C LEU A 201 -24.68 -4.78 -5.31
N SER A 202 -25.94 -5.19 -5.50
CA SER A 202 -26.99 -4.24 -5.91
C SER A 202 -27.35 -3.21 -4.83
N SER A 203 -27.21 -3.62 -3.57
CA SER A 203 -27.22 -2.66 -2.45
C SER A 203 -26.25 -3.19 -1.40
N PRO A 204 -25.82 -2.34 -0.46
CA PRO A 204 -24.76 -2.80 0.42
C PRO A 204 -25.14 -4.02 1.25
N VAL A 205 -24.17 -4.88 1.48
CA VAL A 205 -24.39 -6.11 2.24
C VAL A 205 -23.83 -5.85 3.64
N THR A 206 -24.62 -6.23 4.64
CA THR A 206 -24.20 -6.15 6.03
C THR A 206 -24.02 -7.56 6.56
N LYS A 207 -22.80 -7.86 7.03
CA LYS A 207 -22.59 -9.02 7.89
C LYS A 207 -22.42 -8.52 9.31
N SER A 208 -23.08 -9.21 10.25
CA SER A 208 -23.04 -8.82 11.64
C SER A 208 -23.07 -10.01 12.60
N PHE A 209 -22.63 -9.77 13.83
CA PHE A 209 -22.86 -10.69 14.94
C PHE A 209 -23.24 -9.90 16.19
N ASN A 210 -23.81 -10.61 17.15
CA ASN A 210 -24.15 -10.08 18.46
C ASN A 210 -23.16 -10.66 19.46
N ARG A 211 -22.53 -9.79 20.25
CA ARG A 211 -21.57 -10.22 21.27
C ARG A 211 -22.24 -11.19 22.24
N GLY A 212 -21.57 -12.33 22.47
CA GLY A 212 -22.00 -13.35 23.43
C GLY A 212 -22.96 -14.40 22.88
N GLU A 213 -23.36 -14.28 21.62
CA GLU A 213 -24.49 -15.06 21.09
C GLU A 213 -24.06 -16.13 20.10
N CYS A 214 -24.88 -17.17 19.98
CA CYS A 214 -24.58 -18.39 19.24
C CYS A 214 -25.63 -18.68 18.15
N GLU B 1 23.97 1.28 -16.66
CA GLU B 1 24.17 2.54 -17.38
C GLU B 1 24.10 3.76 -16.45
N VAL B 2 23.19 4.65 -16.74
CA VAL B 2 22.75 5.62 -15.80
C VAL B 2 22.14 4.92 -14.56
N GLN B 3 22.68 5.19 -13.39
CA GLN B 3 22.19 4.60 -12.15
C GLN B 3 22.27 5.44 -10.84
N LEU B 4 21.26 5.33 -10.02
CA LEU B 4 21.23 5.94 -8.68
C LEU B 4 21.10 4.81 -7.65
N VAL B 5 22.10 4.64 -6.78
CA VAL B 5 22.12 3.53 -5.84
C VAL B 5 21.95 4.09 -4.45
N GLN B 6 20.86 3.67 -3.80
CA GLN B 6 20.54 4.18 -2.47
C GLN B 6 21.04 3.28 -1.35
N SER B 7 21.29 3.93 -0.22
CA SER B 7 21.60 3.25 1.02
C SER B 7 21.21 4.11 2.21
N GLY B 8 21.25 3.52 3.39
CA GLY B 8 20.84 4.19 4.63
C GLY B 8 19.42 3.76 4.97
N GLY B 9 18.78 4.51 5.86
CA GLY B 9 17.40 4.21 6.23
C GLY B 9 17.25 3.05 7.19
N GLY B 10 16.09 2.40 7.15
CA GLY B 10 15.75 1.32 8.06
C GLY B 10 15.02 1.82 9.30
N LEU B 11 15.23 1.13 10.42
CA LEU B 11 14.51 1.37 11.68
C LEU B 11 15.04 2.59 12.45
N VAL B 12 14.13 3.43 12.94
CA VAL B 12 14.48 4.58 13.80
C VAL B 12 13.34 4.86 14.79
N LYS B 13 13.70 5.36 15.98
CA LYS B 13 12.70 5.71 17.00
C LYS B 13 12.11 7.11 16.75
N PRO B 14 10.85 7.33 17.15
CA PRO B 14 10.25 8.67 17.02
C PRO B 14 11.11 9.73 17.75
N GLY B 15 11.39 10.85 17.08
CA GLY B 15 12.30 11.87 17.62
C GLY B 15 13.73 11.68 17.14
N GLY B 16 14.04 10.53 16.54
CA GLY B 16 15.40 10.18 16.14
C GLY B 16 15.81 10.67 14.77
N SER B 17 17.06 10.36 14.38
CA SER B 17 17.66 10.80 13.14
C SER B 17 18.16 9.64 12.28
N LEU B 18 18.05 9.82 10.96
CA LEU B 18 18.67 8.94 9.97
C LEU B 18 19.23 9.80 8.83
N ARG B 19 20.29 9.31 8.20
CA ARG B 19 20.83 9.95 7.00
C ARG B 19 20.67 8.96 5.85
N LEU B 20 20.03 9.40 4.77
CA LEU B 20 19.98 8.65 3.53
C LEU B 20 21.08 9.12 2.56
N SER B 21 21.60 8.17 1.78
CA SER B 21 22.60 8.44 0.73
C SER B 21 22.11 7.95 -0.63
N CYS B 22 22.62 8.57 -1.67
CA CYS B 22 22.32 8.22 -3.05
C CYS B 22 23.60 8.42 -3.82
N ALA B 23 24.09 7.34 -4.43
CA ALA B 23 25.31 7.35 -5.20
C ALA B 23 24.97 7.28 -6.69
N ALA B 24 25.46 8.26 -7.46
CA ALA B 24 25.14 8.44 -8.88
C ALA B 24 26.28 7.96 -9.77
N SER B 25 25.91 7.39 -10.91
CA SER B 25 26.86 7.02 -11.96
C SER B 25 26.18 7.10 -13.33
N GLY B 26 26.98 7.28 -14.37
CA GLY B 26 26.51 7.19 -15.73
C GLY B 26 26.07 8.51 -16.32
N PHE B 27 26.17 9.58 -15.55
CA PHE B 27 25.82 10.92 -16.04
C PHE B 27 26.64 11.98 -15.31
N THR B 28 26.61 13.22 -15.79
CA THR B 28 27.35 14.30 -15.13
C THR B 28 26.59 14.82 -13.91
N PHE B 29 26.84 14.18 -12.77
CA PHE B 29 26.09 14.47 -11.54
C PHE B 29 26.06 15.94 -11.19
N SER B 30 27.23 16.58 -11.24
CA SER B 30 27.37 17.99 -10.88
C SER B 30 26.58 18.99 -11.73
N SER B 31 26.00 18.53 -12.84
CA SER B 31 25.25 19.42 -13.76
C SER B 31 23.71 19.31 -13.62
N TYR B 32 23.24 18.54 -12.64
CA TYR B 32 21.81 18.27 -12.48
C TYR B 32 21.30 18.58 -11.08
N SER B 33 20.08 19.13 -11.03
CA SER B 33 19.31 19.19 -9.80
C SER B 33 18.93 17.78 -9.38
N MET B 34 19.02 17.53 -8.08
CA MET B 34 18.65 16.24 -7.50
C MET B 34 17.56 16.41 -6.44
N ASN B 35 16.78 15.33 -6.25
CA ASN B 35 15.56 15.41 -5.45
C ASN B 35 15.38 14.17 -4.56
N TRP B 36 14.54 14.33 -3.55
CA TRP B 36 14.01 13.21 -2.76
C TRP B 36 12.51 13.25 -2.86
N VAL B 37 11.90 12.07 -2.97
CA VAL B 37 10.46 11.88 -3.13
C VAL B 37 10.14 10.71 -2.21
N ARG B 38 9.01 10.73 -1.53
CA ARG B 38 8.65 9.58 -0.67
C ARG B 38 7.28 9.04 -0.98
N GLN B 39 7.03 7.84 -0.47
CA GLN B 39 5.78 7.14 -0.70
C GLN B 39 5.43 6.39 0.58
N ALA B 40 4.40 6.85 1.29
CA ALA B 40 3.96 6.13 2.48
C ALA B 40 3.31 4.82 2.06
N PRO B 41 3.32 3.80 2.95
CA PRO B 41 2.72 2.49 2.66
C PRO B 41 1.27 2.55 2.14
N GLY B 42 1.05 1.93 0.97
CA GLY B 42 -0.25 1.92 0.29
C GLY B 42 -0.71 3.24 -0.32
N LYS B 43 0.19 4.23 -0.40
CA LYS B 43 -0.18 5.61 -0.82
C LYS B 43 0.60 6.06 -2.05
N GLY B 44 0.29 7.27 -2.51
CA GLY B 44 0.96 7.87 -3.67
C GLY B 44 2.29 8.57 -3.37
N LEU B 45 2.75 9.36 -4.33
CA LEU B 45 4.09 9.93 -4.29
C LEU B 45 4.05 11.35 -3.76
N GLU B 46 4.99 11.69 -2.88
CA GLU B 46 5.13 13.03 -2.33
C GLU B 46 6.56 13.53 -2.48
N TRP B 47 6.74 14.64 -3.19
CA TRP B 47 8.03 15.30 -3.28
C TRP B 47 8.48 15.84 -1.89
N VAL B 48 9.75 15.64 -1.56
CA VAL B 48 10.27 16.02 -0.24
C VAL B 48 11.20 17.24 -0.30
N SER B 49 12.15 17.23 -1.23
CA SER B 49 13.21 18.22 -1.28
C SER B 49 13.96 18.17 -2.62
N SER B 50 14.44 19.34 -3.07
CA SER B 50 15.34 19.49 -4.21
C SER B 50 16.58 20.31 -3.85
N ILE B 51 17.67 20.03 -4.57
CA ILE B 51 18.93 20.76 -4.49
C ILE B 51 19.50 20.97 -5.90
N SER B 52 19.88 22.20 -6.20
CA SER B 52 20.43 22.55 -7.51
C SER B 52 21.84 21.99 -7.68
N SER B 53 22.29 22.00 -8.92
CA SER B 53 23.56 21.38 -9.33
C SER B 53 24.72 21.71 -8.39
N SER B 54 24.81 22.97 -7.99
CA SER B 54 25.93 23.44 -7.19
C SER B 54 25.51 23.86 -5.77
N SER B 55 24.33 23.39 -5.33
CA SER B 55 23.83 23.63 -3.96
C SER B 55 23.47 25.11 -3.69
N SER B 56 23.25 25.91 -4.73
CA SER B 56 22.89 27.33 -4.56
C SER B 56 21.43 27.46 -4.11
N TYR B 57 20.60 26.55 -4.61
CA TYR B 57 19.17 26.62 -4.48
C TYR B 57 18.65 25.33 -3.88
N ILE B 58 17.97 25.47 -2.74
CA ILE B 58 17.44 24.37 -1.95
C ILE B 58 15.93 24.57 -1.69
N TYR B 59 15.15 23.52 -1.94
CA TYR B 59 13.71 23.54 -1.82
C TYR B 59 13.26 22.39 -0.91
N TYR B 60 12.25 22.65 -0.07
CA TYR B 60 11.66 21.65 0.84
C TYR B 60 10.14 21.68 0.74
N ALA B 61 9.53 20.50 0.88
CA ALA B 61 8.08 20.36 1.04
C ALA B 61 7.64 20.93 2.42
N ASP B 62 6.43 21.45 2.49
CA ASP B 62 5.86 21.96 3.76
C ASP B 62 6.02 21.01 4.95
N SER B 63 5.90 19.71 4.67
CA SER B 63 5.82 18.71 5.73
C SER B 63 7.16 18.32 6.34
N VAL B 64 8.28 18.73 5.73
CA VAL B 64 9.61 18.35 6.23
C VAL B 64 10.53 19.50 6.59
N LYS B 65 10.13 20.74 6.26
CA LYS B 65 10.90 21.95 6.55
C LYS B 65 11.36 21.92 8.00
N GLY B 66 12.61 22.34 8.25
CA GLY B 66 13.08 22.49 9.62
C GLY B 66 13.48 21.20 10.32
N ARG B 67 13.25 20.05 9.69
CA ARG B 67 13.65 18.76 10.25
C ARG B 67 14.63 18.03 9.32
N PHE B 68 14.42 18.17 8.00
CA PHE B 68 15.22 17.46 6.99
C PHE B 68 16.15 18.48 6.34
N THR B 69 17.37 18.03 6.05
CA THR B 69 18.38 18.81 5.36
C THR B 69 18.93 18.01 4.17
N ILE B 70 18.78 18.56 2.96
CA ILE B 70 19.33 17.99 1.74
C ILE B 70 20.72 18.58 1.49
N SER B 71 21.64 17.73 1.01
CA SER B 71 22.96 18.18 0.62
C SER B 71 23.48 17.23 -0.43
N ARG B 72 24.63 17.57 -0.99
CA ARG B 72 25.27 16.77 -2.03
C ARG B 72 26.78 16.97 -2.01
N ASP B 73 27.49 15.97 -2.49
CA ASP B 73 28.94 16.03 -2.60
C ASP B 73 29.24 15.67 -4.04
N ASN B 74 29.47 16.71 -4.85
CA ASN B 74 29.61 16.50 -6.29
C ASN B 74 30.87 15.71 -6.62
N ALA B 75 31.92 15.91 -5.82
CA ALA B 75 33.18 15.17 -5.99
C ALA B 75 33.06 13.67 -5.69
N LYS B 76 32.07 13.27 -4.90
CA LYS B 76 31.78 11.83 -4.64
C LYS B 76 30.53 11.36 -5.41
N ASN B 77 29.98 12.22 -6.26
CA ASN B 77 28.74 11.94 -6.98
C ASN B 77 27.61 11.45 -6.04
N SER B 78 27.43 12.15 -4.92
CA SER B 78 26.52 11.68 -3.87
C SER B 78 25.51 12.73 -3.45
N LEU B 79 24.30 12.26 -3.18
CA LEU B 79 23.20 13.03 -2.64
C LEU B 79 22.84 12.50 -1.26
N TYR B 80 22.53 13.41 -0.32
CA TYR B 80 22.19 13.03 1.04
C TYR B 80 20.89 13.68 1.54
N LEU B 81 20.26 13.01 2.49
CA LEU B 81 19.13 13.56 3.22
C LEU B 81 19.34 13.25 4.68
N GLN B 82 19.54 14.30 5.46
CA GLN B 82 19.64 14.18 6.88
C GLN B 82 18.23 14.41 7.41
N MET B 83 17.65 13.37 8.01
CA MET B 83 16.30 13.44 8.57
C MET B 83 16.36 13.46 10.09
N ASN B 84 15.92 14.55 10.71
CA ASN B 84 15.87 14.66 12.16
C ASN B 84 14.42 14.74 12.66
N SER B 85 14.26 14.51 13.96
CA SER B 85 12.97 14.59 14.62
C SER B 85 11.91 13.79 13.88
N LEU B 86 12.25 12.54 13.55
CA LEU B 86 11.37 11.66 12.77
C LEU B 86 10.09 11.29 13.53
N ARG B 87 9.00 11.21 12.80
CA ARG B 87 7.69 10.84 13.36
C ARG B 87 7.14 9.64 12.61
N ALA B 88 6.12 9.03 13.20
CA ALA B 88 5.41 7.90 12.56
C ALA B 88 5.02 8.21 11.12
N GLU B 89 4.52 9.41 10.85
CA GLU B 89 4.11 9.82 9.50
C GLU B 89 5.23 9.92 8.44
N ASP B 90 6.49 9.79 8.85
CA ASP B 90 7.62 9.82 7.96
C ASP B 90 7.96 8.41 7.49
N THR B 91 7.27 7.41 8.04
CA THR B 91 7.43 6.03 7.58
C THR B 91 7.00 5.96 6.10
N ALA B 92 7.94 5.56 5.25
CA ALA B 92 7.78 5.63 3.81
C ALA B 92 9.01 5.04 3.11
N VAL B 93 8.82 4.70 1.84
CA VAL B 93 9.94 4.43 0.95
C VAL B 93 10.37 5.78 0.44
N TYR B 94 11.68 6.05 0.53
CA TYR B 94 12.25 7.30 0.07
C TYR B 94 13.08 7.00 -1.18
N TYR B 95 12.87 7.81 -2.22
CA TYR B 95 13.61 7.70 -3.48
C TYR B 95 14.42 8.96 -3.72
N CYS B 96 15.65 8.80 -4.22
CA CYS B 96 16.36 9.88 -4.89
C CYS B 96 15.98 9.88 -6.36
N ALA B 97 15.99 11.07 -6.94
CA ALA B 97 15.63 11.25 -8.33
C ALA B 97 16.36 12.42 -8.97
N ARG B 98 16.80 12.22 -10.21
CA ARG B 98 17.37 13.31 -11.00
C ARG B 98 16.23 14.04 -11.66
N VAL B 99 16.32 15.37 -11.77
CA VAL B 99 15.33 16.12 -12.53
C VAL B 99 15.99 16.81 -13.72
N THR B 100 15.33 16.71 -14.87
CA THR B 100 15.58 17.59 -16.02
C THR B 100 14.36 18.47 -16.31
N ASP B 101 13.37 17.95 -17.06
CA ASP B 101 12.03 18.55 -17.12
C ASP B 101 11.05 17.71 -16.29
N ALA B 102 11.46 16.51 -15.93
CA ALA B 102 10.63 15.56 -15.20
C ALA B 102 11.62 14.79 -14.38
N PHE B 103 11.15 13.92 -13.51
CA PHE B 103 12.04 13.08 -12.70
C PHE B 103 12.47 11.88 -13.55
N ASP B 104 13.66 11.97 -14.16
CA ASP B 104 14.00 11.03 -15.22
C ASP B 104 14.89 9.84 -14.84
N ILE B 105 15.52 9.90 -13.68
CA ILE B 105 16.22 8.76 -13.11
C ILE B 105 15.86 8.71 -11.62
N TRP B 106 15.50 7.51 -11.18
CA TRP B 106 15.10 7.23 -9.83
C TRP B 106 15.97 6.14 -9.19
N GLY B 107 16.27 6.32 -7.89
CA GLY B 107 16.90 5.28 -7.08
C GLY B 107 15.93 4.14 -6.85
N GLN B 108 16.42 3.04 -6.27
CA GLN B 108 15.61 1.84 -6.05
C GLN B 108 14.61 1.96 -4.90
N GLY B 109 14.77 2.98 -4.06
CA GLY B 109 13.92 3.15 -2.90
C GLY B 109 14.59 2.62 -1.64
N THR B 110 14.39 3.34 -0.55
CA THR B 110 14.91 2.98 0.77
C THR B 110 13.77 3.09 1.78
N MET B 111 13.46 2.00 2.48
CA MET B 111 12.38 2.00 3.48
C MET B 111 12.89 2.58 4.82
N VAL B 112 12.11 3.53 5.36
CA VAL B 112 12.32 4.14 6.66
C VAL B 112 11.08 3.81 7.48
N THR B 113 11.29 3.19 8.65
CA THR B 113 10.23 2.78 9.55
C THR B 113 10.46 3.43 10.90
N VAL B 114 9.54 4.33 11.27
CA VAL B 114 9.63 5.04 12.53
C VAL B 114 8.73 4.39 13.56
N SER B 115 9.35 3.78 14.57
CA SER B 115 8.64 3.05 15.61
C SER B 115 9.47 2.99 16.89
N SER B 116 8.80 3.01 18.03
CA SER B 116 9.48 2.88 19.30
C SER B 116 9.64 1.43 19.72
N ALA B 117 9.16 0.50 18.89
CA ALA B 117 9.14 -0.92 19.25
C ALA B 117 10.54 -1.54 19.36
N SER B 118 10.65 -2.50 20.26
CA SER B 118 11.75 -3.45 20.27
C SER B 118 11.25 -4.71 19.59
N THR B 119 12.16 -5.64 19.35
CA THR B 119 11.82 -6.92 18.75
C THR B 119 10.84 -7.67 19.65
N LYS B 120 9.78 -8.15 19.03
CA LYS B 120 8.66 -8.75 19.75
C LYS B 120 7.94 -9.71 18.80
N GLY B 121 7.67 -10.91 19.31
CA GLY B 121 6.97 -11.92 18.53
C GLY B 121 5.49 -11.70 18.63
N PRO B 122 4.75 -12.23 17.66
CA PRO B 122 3.32 -11.98 17.58
C PRO B 122 2.52 -12.88 18.54
N SER B 123 1.32 -12.41 18.88
CA SER B 123 0.24 -13.28 19.37
C SER B 123 -0.55 -13.76 18.15
N VAL B 124 -1.02 -14.99 18.18
CA VAL B 124 -1.75 -15.56 17.05
C VAL B 124 -3.12 -15.96 17.54
N PHE B 125 -4.14 -15.36 16.96
CA PHE B 125 -5.50 -15.59 17.37
C PHE B 125 -6.29 -16.22 16.21
N PRO B 126 -7.25 -17.11 16.54
CA PRO B 126 -8.08 -17.71 15.52
C PRO B 126 -9.10 -16.73 14.95
N LEU B 127 -9.31 -16.82 13.65
CA LEU B 127 -10.47 -16.23 12.99
C LEU B 127 -11.37 -17.41 12.59
N ALA B 128 -12.33 -17.72 13.45
CA ALA B 128 -13.07 -19.00 13.37
C ALA B 128 -14.32 -18.90 12.48
N PRO B 129 -14.56 -19.92 11.60
CA PRO B 129 -15.77 -20.06 10.77
C PRO B 129 -17.01 -20.53 11.54
N SER B 130 -18.17 -20.52 10.88
CA SER B 130 -19.48 -20.90 11.46
C SER B 130 -20.45 -21.46 10.42
N GLY B 137 -22.07 -22.91 1.02
CA GLY B 137 -21.12 -23.89 0.48
C GLY B 137 -19.67 -23.70 0.94
N THR B 138 -19.21 -22.47 1.00
CA THR B 138 -17.80 -22.21 1.34
C THR B 138 -17.63 -21.43 2.64
N ALA B 139 -16.68 -21.90 3.45
CA ALA B 139 -16.39 -21.34 4.76
C ALA B 139 -15.03 -20.66 4.73
N ALA B 140 -14.91 -19.56 5.46
CA ALA B 140 -13.68 -18.80 5.55
C ALA B 140 -13.10 -18.87 6.96
N LEU B 141 -11.81 -19.09 7.04
CA LEU B 141 -11.17 -19.16 8.32
C LEU B 141 -9.80 -18.53 8.21
N GLY B 142 -9.21 -18.23 9.34
CA GLY B 142 -7.92 -17.62 9.33
C GLY B 142 -7.22 -17.52 10.67
N CYS B 143 -6.10 -16.82 10.61
CA CYS B 143 -5.32 -16.44 11.79
C CYS B 143 -4.97 -14.94 11.76
N LEU B 144 -5.24 -14.28 12.88
CA LEU B 144 -4.78 -12.92 13.13
C LEU B 144 -3.41 -12.95 13.83
N VAL B 145 -2.39 -12.39 13.19
CA VAL B 145 -1.00 -12.37 13.70
C VAL B 145 -0.72 -10.95 14.17
N LYS B 146 -0.88 -10.72 15.47
CA LYS B 146 -0.93 -9.38 16.00
C LYS B 146 0.28 -8.99 16.88
N ASP B 147 0.71 -7.74 16.69
CA ASP B 147 1.64 -7.06 17.60
C ASP B 147 3.07 -7.60 17.58
N TYR B 148 3.70 -7.57 16.41
CA TYR B 148 5.09 -8.05 16.24
C TYR B 148 5.98 -6.98 15.64
N PHE B 149 7.27 -7.16 15.84
CA PHE B 149 8.25 -6.24 15.32
C PHE B 149 9.63 -6.92 15.30
N PRO B 150 10.44 -6.68 14.27
CA PRO B 150 10.09 -6.01 13.02
C PRO B 150 9.42 -6.98 12.04
N GLU B 151 9.27 -6.56 10.79
CA GLU B 151 8.97 -7.49 9.70
C GLU B 151 10.16 -8.43 9.40
N PRO B 152 9.90 -9.60 8.78
CA PRO B 152 8.62 -10.17 8.42
C PRO B 152 8.15 -11.35 9.30
N VAL B 153 6.87 -11.71 9.17
CA VAL B 153 6.35 -13.00 9.60
C VAL B 153 6.00 -13.79 8.34
N THR B 154 6.16 -15.11 8.39
CA THR B 154 5.62 -15.98 7.35
C THR B 154 4.45 -16.79 7.89
N VAL B 155 3.44 -16.99 7.03
CA VAL B 155 2.32 -17.86 7.34
C VAL B 155 2.19 -18.88 6.21
N SER B 156 2.09 -20.15 6.58
CA SER B 156 1.59 -21.17 5.67
C SER B 156 0.36 -21.85 6.31
N TRP B 157 -0.26 -22.74 5.56
CA TRP B 157 -1.39 -23.51 6.06
C TRP B 157 -1.13 -24.99 5.82
N ASN B 158 -1.41 -25.80 6.83
CA ASN B 158 -1.21 -27.25 6.79
C ASN B 158 0.21 -27.63 6.29
N SER B 159 1.18 -26.90 6.84
CA SER B 159 2.61 -27.07 6.56
C SER B 159 2.95 -27.00 5.08
N GLY B 160 2.26 -26.12 4.35
CA GLY B 160 2.51 -25.91 2.92
C GLY B 160 1.68 -26.72 1.95
N ALA B 161 0.90 -27.69 2.46
CA ALA B 161 0.07 -28.55 1.63
C ALA B 161 -1.25 -27.87 1.22
N LEU B 162 -1.60 -26.77 1.89
CA LEU B 162 -2.77 -25.99 1.51
C LEU B 162 -2.35 -24.58 1.05
N THR B 163 -2.50 -24.36 -0.26
CA THR B 163 -2.09 -23.12 -0.95
C THR B 163 -3.27 -22.46 -1.68
N SER B 164 -4.17 -23.26 -2.24
CA SER B 164 -5.32 -22.79 -3.00
C SER B 164 -6.35 -22.09 -2.10
N GLY B 165 -6.65 -20.83 -2.41
CA GLY B 165 -7.61 -20.05 -1.64
C GLY B 165 -7.02 -19.32 -0.46
N VAL B 166 -5.71 -19.43 -0.27
CA VAL B 166 -5.02 -18.73 0.79
C VAL B 166 -4.78 -17.27 0.40
N HIS B 167 -5.06 -16.36 1.32
CA HIS B 167 -4.69 -14.96 1.16
C HIS B 167 -4.06 -14.47 2.43
N THR B 168 -2.78 -14.13 2.36
CA THR B 168 -2.09 -13.52 3.48
C THR B 168 -1.92 -12.04 3.14
N PHE B 169 -2.52 -11.19 3.97
CA PHE B 169 -2.53 -9.77 3.71
C PHE B 169 -1.20 -9.08 4.07
N PRO B 170 -0.87 -7.99 3.35
CA PRO B 170 0.25 -7.13 3.74
C PRO B 170 0.11 -6.63 5.19
N ALA B 171 1.21 -6.66 5.94
CA ALA B 171 1.24 -6.13 7.30
C ALA B 171 0.93 -4.65 7.30
N VAL B 172 0.25 -4.19 8.33
CA VAL B 172 0.07 -2.77 8.59
C VAL B 172 0.76 -2.40 9.89
N LEU B 173 1.47 -1.28 9.88
CA LEU B 173 2.09 -0.73 11.08
C LEU B 173 0.96 -0.08 11.85
N GLN B 174 0.68 -0.56 13.07
CA GLN B 174 -0.31 0.05 13.95
C GLN B 174 0.27 1.27 14.65
N SER B 175 -0.60 2.08 15.24
CA SER B 175 -0.20 3.29 15.94
C SER B 175 0.66 3.02 17.17
N SER B 176 0.59 1.80 17.69
CA SER B 176 1.49 1.33 18.74
C SER B 176 2.94 1.13 18.27
N GLY B 177 3.17 1.19 16.96
CA GLY B 177 4.47 0.89 16.40
C GLY B 177 4.74 -0.59 16.18
N LEU B 178 3.70 -1.42 16.35
CA LEU B 178 3.78 -2.85 16.11
C LEU B 178 2.96 -3.21 14.87
N TYR B 179 3.40 -4.24 14.17
CA TYR B 179 2.72 -4.72 12.98
C TYR B 179 1.64 -5.72 13.36
N SER B 180 0.67 -5.84 12.45
CA SER B 180 -0.36 -6.85 12.51
C SER B 180 -0.68 -7.27 11.08
N LEU B 181 -1.04 -8.55 10.91
CA LEU B 181 -1.67 -9.02 9.69
C LEU B 181 -2.59 -10.24 9.95
N SER B 182 -3.48 -10.53 8.99
CA SER B 182 -4.28 -11.75 9.00
C SER B 182 -3.94 -12.57 7.76
N SER B 183 -4.00 -13.88 7.93
CA SER B 183 -3.97 -14.82 6.83
C SER B 183 -5.29 -15.59 6.87
N VAL B 184 -5.92 -15.72 5.71
CA VAL B 184 -7.19 -16.42 5.57
C VAL B 184 -7.12 -17.49 4.49
N VAL B 185 -8.08 -18.41 4.56
CA VAL B 185 -8.27 -19.39 3.51
C VAL B 185 -9.76 -19.67 3.43
N THR B 186 -10.28 -19.86 2.21
CA THR B 186 -11.66 -20.31 2.02
C THR B 186 -11.59 -21.79 1.68
N VAL B 187 -12.54 -22.57 2.22
CA VAL B 187 -12.59 -24.02 2.01
C VAL B 187 -14.04 -24.45 1.91
N PRO B 188 -14.29 -25.64 1.30
CA PRO B 188 -15.67 -26.14 1.25
C PRO B 188 -16.17 -26.41 2.66
N SER B 189 -17.34 -25.90 3.01
CA SER B 189 -17.88 -26.08 4.36
C SER B 189 -18.03 -27.56 4.74
N SER B 190 -18.36 -28.41 3.76
CA SER B 190 -18.44 -29.87 3.95
C SER B 190 -17.17 -30.50 4.52
N SER B 191 -16.02 -29.87 4.26
CA SER B 191 -14.73 -30.35 4.75
C SER B 191 -14.44 -29.98 6.23
N LEU B 192 -15.16 -28.97 6.76
CA LEU B 192 -14.91 -28.46 8.13
C LEU B 192 -15.05 -29.51 9.23
N GLY B 193 -15.90 -30.52 9.00
CA GLY B 193 -16.11 -31.59 9.97
C GLY B 193 -15.14 -32.75 9.88
N THR B 194 -14.26 -32.74 8.88
CA THR B 194 -13.34 -33.87 8.62
C THR B 194 -11.87 -33.44 8.49
N GLN B 195 -11.64 -32.29 7.82
CA GLN B 195 -10.28 -31.78 7.60
C GLN B 195 -9.88 -30.81 8.71
N THR B 196 -8.60 -30.83 9.08
CA THR B 196 -8.05 -29.87 10.05
C THR B 196 -7.32 -28.76 9.33
N TYR B 197 -7.56 -27.53 9.73
CA TYR B 197 -6.90 -26.38 9.12
C TYR B 197 -6.03 -25.69 10.16
N ILE B 198 -4.72 -25.66 9.87
CA ILE B 198 -3.71 -25.10 10.77
C ILE B 198 -2.85 -24.05 10.09
N CYS B 199 -2.78 -22.86 10.69
CA CYS B 199 -1.86 -21.84 10.22
C CYS B 199 -0.52 -21.97 10.94
N ASN B 200 0.55 -21.93 10.14
CA ASN B 200 1.91 -22.04 10.65
C ASN B 200 2.56 -20.67 10.55
N VAL B 201 2.81 -20.05 11.70
CA VAL B 201 3.32 -18.69 11.78
C VAL B 201 4.76 -18.79 12.29
N ASN B 202 5.68 -18.11 11.61
CA ASN B 202 7.08 -18.02 12.06
C ASN B 202 7.47 -16.55 12.00
N HIS B 203 7.88 -16.01 13.15
CA HIS B 203 8.50 -14.69 13.20
C HIS B 203 9.96 -14.89 13.62
N LYS B 204 10.85 -14.95 12.64
CA LYS B 204 12.25 -15.34 12.89
C LYS B 204 13.05 -14.34 13.74
N PRO B 205 12.78 -13.01 13.58
CA PRO B 205 13.49 -12.06 14.46
C PRO B 205 13.36 -12.34 15.96
N SER B 206 12.19 -12.81 16.41
CA SER B 206 11.99 -13.17 17.83
C SER B 206 12.08 -14.68 18.10
N ASN B 207 12.38 -15.47 17.07
CA ASN B 207 12.27 -16.94 17.17
C ASN B 207 10.90 -17.39 17.70
N THR B 208 9.82 -16.86 17.13
CA THR B 208 8.48 -17.19 17.59
C THR B 208 7.82 -18.05 16.50
N LYS B 209 7.58 -19.32 16.81
CA LYS B 209 6.89 -20.24 15.90
C LYS B 209 5.63 -20.75 16.60
N VAL B 210 4.49 -20.62 15.93
CA VAL B 210 3.21 -21.10 16.42
C VAL B 210 2.51 -21.87 15.31
N ASP B 211 1.93 -23.02 15.66
CA ASP B 211 0.94 -23.69 14.81
C ASP B 211 -0.45 -23.63 15.50
N LYS B 212 -1.41 -22.98 14.85
CA LYS B 212 -2.75 -22.81 15.42
C LYS B 212 -3.80 -23.55 14.58
N ARG B 213 -4.39 -24.61 15.13
CA ARG B 213 -5.55 -25.21 14.47
C ARG B 213 -6.78 -24.34 14.72
N VAL B 214 -7.45 -23.97 13.63
CA VAL B 214 -8.58 -23.05 13.68
C VAL B 214 -9.86 -23.87 13.63
N GLU B 215 -10.59 -23.84 14.75
CA GLU B 215 -11.77 -24.67 14.94
C GLU B 215 -13.03 -23.86 14.61
N PRO B 216 -13.97 -24.47 13.88
CA PRO B 216 -15.28 -23.81 13.64
C PRO B 216 -16.03 -23.50 14.95
N LYS B 217 -16.59 -22.29 15.06
CA LYS B 217 -17.37 -21.85 16.24
C LYS B 217 -18.80 -21.53 15.84
N SER B 218 -19.68 -21.47 16.83
CA SER B 218 -21.06 -20.96 16.65
C SER B 218 -21.34 -19.66 17.38
N CYS B 219 -20.57 -19.36 18.42
CA CYS B 219 -20.85 -18.24 19.33
C CYS B 219 -20.04 -16.97 19.02
#